data_2X2W
#
_entry.id   2X2W
#
_cell.length_a   78.652
_cell.length_b   78.652
_cell.length_c   283.054
_cell.angle_alpha   90.00
_cell.angle_beta   90.00
_cell.angle_gamma   120.00
#
_symmetry.space_group_name_H-M   'P 61 2 2'
#
loop_
_entity.id
_entity.type
_entity.pdbx_description
1 polymer 'ACETYLGLUTAMATE KINASE'
2 non-polymer 'N-ACETYL-L-GLUTAMYL 5-PHOSPHATE'
3 non-polymer 'SULFATE ION'
4 water water
#
_entity_poly.entity_id   1
_entity_poly.type   'polypeptide(L)'
_entity_poly.pdbx_seq_one_letter_code
;MMNPLIIKLGGVLLDSEEALERLFSALVNYRESHQRPLVIVHGGGCVVDELMKGLNLPVKKKNGLRVTPADQIDIITGAL
AGTANKTLLAWAKKHQIAAVGLFLGDGDSVKVTQLDEELGHVGLAQPGSPKLINSLLENGYLPVVSSIGVTDEGQLMNVN
ADQAATALAATLGADLILLSDVSGILDGKGQRIAEMTAAKAEQLIEQGIITDGMIVKVNAALDAARTLGRPVDIASWRHA
EQLPALFNGMPMGTRILA
;
_entity_poly.pdbx_strand_id   A,B
#
# COMPACT_ATOMS: atom_id res chain seq x y z
N MET A 1 24.30 12.81 12.60
CA MET A 1 22.95 12.63 11.99
C MET A 1 22.57 13.85 11.16
N MET A 2 21.52 13.71 10.34
CA MET A 2 20.97 14.77 9.50
C MET A 2 19.46 14.72 9.43
N ASN A 3 18.88 15.84 9.01
CA ASN A 3 17.46 15.88 8.71
C ASN A 3 17.14 14.98 7.51
N PRO A 4 15.88 14.55 7.40
CA PRO A 4 15.55 13.61 6.33
C PRO A 4 15.68 14.22 4.94
N LEU A 5 15.80 13.34 3.95
CA LEU A 5 15.79 13.75 2.56
C LEU A 5 14.65 13.01 1.87
N ILE A 6 13.80 13.76 1.17
CA ILE A 6 12.79 13.17 0.31
C ILE A 6 13.34 13.10 -1.10
N ILE A 7 13.39 11.88 -1.65
CA ILE A 7 13.71 11.65 -3.05
C ILE A 7 12.40 11.38 -3.79
N LYS A 8 11.97 12.32 -4.62
CA LYS A 8 10.76 12.14 -5.42
C LYS A 8 11.12 11.52 -6.77
N LEU A 9 10.39 10.48 -7.14
CA LEU A 9 10.68 9.74 -8.38
C LEU A 9 9.59 9.98 -9.42
N GLY A 10 9.99 10.46 -10.58
CA GLY A 10 9.05 10.77 -11.65
C GLY A 10 8.75 9.58 -12.54
N GLY A 11 7.65 9.69 -13.30
CA GLY A 11 7.18 8.67 -14.25
C GLY A 11 8.20 7.88 -15.07
N VAL A 12 9.01 8.58 -15.86
CA VAL A 12 9.96 7.90 -16.76
C VAL A 12 10.89 6.92 -16.03
N LEU A 13 11.37 7.33 -14.87
CA LEU A 13 12.21 6.49 -14.02
C LEU A 13 11.53 5.18 -13.62
N LEU A 14 10.28 5.28 -13.19
CA LEU A 14 9.52 4.10 -12.78
C LEU A 14 9.29 3.14 -13.96
N ASP A 15 9.27 3.68 -15.18
CA ASP A 15 9.05 2.86 -16.37
C ASP A 15 10.31 2.15 -16.87
N SER A 16 11.45 2.41 -16.25
CA SER A 16 12.75 1.93 -16.75
C SER A 16 13.47 1.04 -15.74
N GLU A 17 13.67 -0.22 -16.10
CA GLU A 17 14.33 -1.20 -15.22
C GLU A 17 15.79 -0.86 -15.02
N GLU A 18 16.38 -0.25 -16.04
CA GLU A 18 17.76 0.25 -15.99
C GLU A 18 17.91 1.34 -14.93
N ALA A 19 17.07 2.36 -15.02
CA ALA A 19 17.09 3.45 -14.05
C ALA A 19 16.86 2.91 -12.65
N LEU A 20 15.92 2.00 -12.51
CA LEU A 20 15.60 1.43 -11.19
C LEU A 20 16.78 0.70 -10.59
N GLU A 21 17.43 -0.16 -11.37
CA GLU A 21 18.61 -0.87 -10.90
C GLU A 21 19.73 0.10 -10.50
N ARG A 22 19.89 1.18 -11.25
CA ARG A 22 20.90 2.19 -10.91
C ARG A 22 20.53 2.96 -9.65
N LEU A 23 19.24 3.28 -9.51
CA LEU A 23 18.76 3.97 -8.33
C LEU A 23 18.97 3.14 -7.07
N PHE A 24 18.51 1.89 -7.10
CA PHE A 24 18.59 1.04 -5.92
C PHE A 24 20.02 0.61 -5.60
N SER A 25 20.86 0.44 -6.61
CA SER A 25 22.29 0.29 -6.38
C SER A 25 22.87 1.54 -5.74
N ALA A 26 22.51 2.71 -6.26
CA ALA A 26 22.91 3.97 -5.65
C ALA A 26 22.46 4.06 -4.20
N LEU A 27 21.22 3.66 -3.91
CA LEU A 27 20.70 3.70 -2.54
C LEU A 27 21.49 2.78 -1.61
N VAL A 28 21.84 1.59 -2.09
CA VAL A 28 22.66 0.68 -1.30
C VAL A 28 24.04 1.30 -1.05
N ASN A 29 24.69 1.82 -2.10
CA ASN A 29 26.02 2.44 -1.95
C ASN A 29 25.99 3.59 -0.93
N TYR A 30 25.01 4.48 -1.07
CA TYR A 30 24.88 5.60 -0.14
C TYR A 30 24.71 5.10 1.29
N ARG A 31 23.86 4.10 1.48
CA ARG A 31 23.53 3.60 2.82
C ARG A 31 24.69 2.88 3.49
N GLU A 32 25.66 2.42 2.71
CA GLU A 32 26.85 1.79 3.27
C GLU A 32 27.75 2.79 3.99
N SER A 33 27.71 4.06 3.57
CA SER A 33 28.58 5.09 4.13
C SER A 33 27.85 6.20 4.86
N HIS A 34 26.54 6.30 4.67
CA HIS A 34 25.80 7.46 5.16
C HIS A 34 24.57 7.07 5.93
N GLN A 35 24.22 7.95 6.86
CA GLN A 35 23.27 7.70 7.94
C GLN A 35 21.93 8.41 7.75
N ARG A 36 21.86 9.33 6.80
CA ARG A 36 20.71 10.22 6.66
C ARG A 36 19.42 9.47 6.42
N PRO A 37 18.34 9.82 7.15
CA PRO A 37 17.02 9.23 6.85
C PRO A 37 16.55 9.60 5.45
N LEU A 38 16.12 8.59 4.69
CA LEU A 38 15.67 8.76 3.33
C LEU A 38 14.23 8.35 3.24
N VAL A 39 13.46 9.09 2.46
CA VAL A 39 12.07 8.81 2.16
C VAL A 39 11.90 8.94 0.65
N ILE A 40 11.23 7.97 0.05
CA ILE A 40 10.84 8.08 -1.36
C ILE A 40 9.38 8.47 -1.49
N VAL A 41 9.11 9.42 -2.39
CA VAL A 41 7.75 9.75 -2.80
C VAL A 41 7.67 9.50 -4.30
N HIS A 42 6.58 8.88 -4.75
CA HIS A 42 6.46 8.57 -6.18
C HIS A 42 5.05 8.80 -6.70
N GLY A 43 4.96 9.12 -7.99
CA GLY A 43 3.71 9.06 -8.70
C GLY A 43 3.63 7.73 -9.43
N GLY A 44 2.94 7.73 -10.56
CA GLY A 44 3.00 6.60 -11.46
C GLY A 44 3.06 7.15 -12.85
N GLY A 45 1.92 7.60 -13.33
CA GLY A 45 1.81 8.12 -14.67
C GLY A 45 1.61 6.99 -15.65
N CYS A 46 2.69 6.31 -16.00
CA CYS A 46 2.65 5.33 -17.10
C CYS A 46 1.80 4.11 -16.80
N VAL A 47 2.03 3.50 -15.64
CA VAL A 47 1.25 2.35 -15.21
C VAL A 47 -0.25 2.67 -15.14
N VAL A 48 -0.57 3.89 -14.68
CA VAL A 48 -1.97 4.36 -14.69
C VAL A 48 -2.50 4.46 -16.11
N ASP A 49 -1.74 5.10 -16.99
CA ASP A 49 -2.15 5.27 -18.38
C ASP A 49 -2.27 3.94 -19.13
N GLU A 50 -1.37 3.00 -18.84
CA GLU A 50 -1.43 1.65 -19.42
C GLU A 50 -2.77 0.97 -19.09
N LEU A 51 -3.20 1.11 -17.84
CA LEU A 51 -4.40 0.44 -17.35
C LEU A 51 -5.71 1.06 -17.84
N MET A 52 -5.67 2.41 -18.01
CA MET A 52 -6.79 3.13 -18.61
C MET A 52 -6.92 2.72 -20.07
N LYS A 53 -5.78 2.60 -20.75
CA LYS A 53 -5.72 2.10 -22.13
C LYS A 53 -6.42 0.76 -22.21
N GLY A 54 -5.97 -0.19 -21.39
CA GLY A 54 -6.50 -1.55 -21.39
C GLY A 54 -7.97 -1.67 -21.08
N LEU A 55 -8.50 -0.75 -20.26
CA LEU A 55 -9.92 -0.75 -19.91
C LEU A 55 -10.78 0.06 -20.88
N ASN A 56 -10.16 0.62 -21.93
CA ASN A 56 -10.83 1.54 -22.84
C ASN A 56 -11.59 2.65 -22.10
N LEU A 57 -10.93 3.22 -21.11
CA LEU A 57 -11.45 4.34 -20.35
C LEU A 57 -10.80 5.62 -20.87
N PRO A 58 -11.60 6.67 -21.11
CA PRO A 58 -11.02 7.90 -21.62
C PRO A 58 -10.42 8.75 -20.50
N VAL A 59 -9.22 9.27 -20.74
CA VAL A 59 -8.56 10.17 -19.80
C VAL A 59 -8.77 11.62 -20.26
N LYS A 60 -9.67 12.31 -19.57
CA LYS A 60 -10.09 13.68 -19.95
C LYS A 60 -9.38 14.74 -19.11
N LYS A 61 -9.48 16.00 -19.56
CA LYS A 61 -8.87 17.11 -18.84
C LYS A 61 -9.74 18.38 -18.87
N LYS A 62 -9.59 19.20 -17.83
CA LYS A 62 -10.31 20.46 -17.73
C LYS A 62 -9.31 21.56 -17.35
N ASN A 63 -8.94 22.37 -18.33
CA ASN A 63 -7.99 23.48 -18.16
C ASN A 63 -6.56 22.99 -17.83
N GLY A 64 -6.11 21.98 -18.57
CA GLY A 64 -4.74 21.47 -18.46
C GLY A 64 -4.45 20.58 -17.26
N LEU A 65 -5.52 20.08 -16.63
CA LEU A 65 -5.38 19.24 -15.43
C LEU A 65 -6.21 17.96 -15.59
N ARG A 66 -5.74 16.87 -14.99
CA ARG A 66 -6.43 15.56 -15.04
C ARG A 66 -7.76 15.60 -14.30
N VAL A 67 -8.65 14.69 -14.69
CA VAL A 67 -9.94 14.50 -14.03
C VAL A 67 -10.04 13.05 -13.58
N THR A 68 -10.33 12.85 -12.30
CA THR A 68 -10.52 11.52 -11.75
C THR A 68 -11.97 11.39 -11.23
N PRO A 69 -12.89 10.93 -12.08
CA PRO A 69 -14.27 10.73 -11.66
C PRO A 69 -14.42 9.72 -10.54
N ALA A 70 -15.55 9.79 -9.86
CA ALA A 70 -15.86 8.90 -8.77
C ALA A 70 -15.63 7.45 -9.18
N ASP A 71 -16.02 7.10 -10.41
CA ASP A 71 -16.00 5.71 -10.87
C ASP A 71 -14.64 5.19 -11.37
N GLN A 72 -13.60 6.00 -11.30
CA GLN A 72 -12.25 5.48 -11.59
C GLN A 72 -11.15 5.82 -10.61
N ILE A 73 -11.45 6.59 -9.57
CA ILE A 73 -10.46 6.80 -8.52
C ILE A 73 -9.97 5.46 -7.95
N ASP A 74 -10.86 4.47 -7.87
CA ASP A 74 -10.47 3.16 -7.36
C ASP A 74 -9.45 2.46 -8.27
N ILE A 75 -9.62 2.57 -9.60
CA ILE A 75 -8.69 1.97 -10.56
C ILE A 75 -7.33 2.69 -10.48
N ILE A 76 -7.39 4.01 -10.43
CA ILE A 76 -6.19 4.81 -10.37
C ILE A 76 -5.41 4.54 -9.09
N THR A 77 -6.14 4.45 -7.98
CA THR A 77 -5.54 4.12 -6.70
C THR A 77 -4.84 2.77 -6.78
N GLY A 78 -5.49 1.80 -7.43
CA GLY A 78 -4.86 0.51 -7.68
C GLY A 78 -3.52 0.64 -8.41
N ALA A 79 -3.48 1.37 -9.51
CA ALA A 79 -2.26 1.49 -10.31
C ALA A 79 -1.13 2.19 -9.56
N LEU A 80 -1.48 3.26 -8.84
CA LEU A 80 -0.50 4.11 -8.18
C LEU A 80 -0.11 3.59 -6.80
N ALA A 81 -1.10 3.51 -5.92
CA ALA A 81 -0.87 3.12 -4.53
C ALA A 81 -0.59 1.64 -4.41
N GLY A 82 -1.06 0.86 -5.38
CA GLY A 82 -0.77 -0.57 -5.47
C GLY A 82 0.42 -0.95 -6.34
N THR A 83 0.24 -0.93 -7.65
CA THR A 83 1.25 -1.42 -8.57
C THR A 83 2.59 -0.67 -8.50
N ALA A 84 2.55 0.66 -8.59
CA ALA A 84 3.78 1.46 -8.62
C ALA A 84 4.49 1.34 -7.30
N ASN A 85 3.75 1.48 -6.21
CA ASN A 85 4.29 1.38 -4.86
C ASN A 85 4.95 0.00 -4.62
N LYS A 86 4.21 -1.07 -4.88
CA LYS A 86 4.73 -2.41 -4.57
C LYS A 86 5.86 -2.82 -5.51
N THR A 87 5.87 -2.28 -6.72
CA THR A 87 6.98 -2.50 -7.63
C THR A 87 8.27 -1.95 -7.00
N LEU A 88 8.20 -0.74 -6.45
CA LEU A 88 9.33 -0.13 -5.74
C LEU A 88 9.72 -0.97 -4.52
N LEU A 89 8.73 -1.46 -3.76
CA LEU A 89 9.01 -2.27 -2.58
C LEU A 89 9.68 -3.61 -2.96
N ALA A 90 9.38 -4.11 -4.15
CA ALA A 90 9.99 -5.34 -4.62
C ALA A 90 11.46 -5.10 -4.95
N TRP A 91 11.74 -3.98 -5.61
CA TRP A 91 13.11 -3.57 -5.88
C TRP A 91 13.91 -3.39 -4.59
N ALA A 92 13.29 -2.79 -3.57
CA ALA A 92 13.95 -2.62 -2.29
C ALA A 92 14.30 -3.97 -1.69
N LYS A 93 13.36 -4.92 -1.72
CA LYS A 93 13.58 -6.25 -1.17
C LYS A 93 14.70 -6.98 -1.90
N LYS A 94 14.75 -6.86 -3.23
CA LYS A 94 15.80 -7.47 -4.03
C LYS A 94 17.18 -6.96 -3.61
N HIS A 95 17.25 -5.67 -3.29
CA HIS A 95 18.49 -5.02 -2.88
C HIS A 95 18.73 -5.01 -1.35
N GLN A 96 17.95 -5.78 -0.59
CA GLN A 96 18.17 -5.95 0.85
C GLN A 96 17.87 -4.71 1.69
N ILE A 97 17.03 -3.83 1.18
CA ILE A 97 16.67 -2.61 1.88
C ILE A 97 15.34 -2.82 2.59
N ALA A 98 15.28 -2.49 3.88
CA ALA A 98 14.04 -2.58 4.66
C ALA A 98 13.19 -1.35 4.36
N ALA A 99 12.27 -1.50 3.41
CA ALA A 99 11.37 -0.44 3.03
C ALA A 99 9.98 -0.71 3.60
N VAL A 100 9.20 0.34 3.75
CA VAL A 100 7.80 0.23 4.16
C VAL A 100 6.96 1.11 3.23
N GLY A 101 5.96 0.50 2.61
CA GLY A 101 5.09 1.22 1.67
C GLY A 101 4.00 1.98 2.40
N LEU A 102 3.82 3.26 2.02
CA LEU A 102 2.75 4.11 2.58
C LEU A 102 2.02 4.87 1.46
N PHE A 103 0.85 5.38 1.79
CA PHE A 103 0.24 6.47 1.02
C PHE A 103 0.10 7.67 1.95
N LEU A 104 -0.38 8.78 1.39
CA LEU A 104 -0.34 10.05 2.09
C LEU A 104 -1.18 10.06 3.34
N GLY A 105 -2.23 9.23 3.36
CA GLY A 105 -3.12 9.14 4.50
C GLY A 105 -2.59 8.40 5.71
N ASP A 106 -1.59 7.54 5.54
CA ASP A 106 -1.03 6.81 6.67
C ASP A 106 -0.40 7.79 7.65
N GLY A 107 -0.86 7.75 8.90
CA GLY A 107 -0.48 8.70 9.92
C GLY A 107 -0.81 10.15 9.58
N ASP A 108 -1.78 10.37 8.67
CA ASP A 108 -2.11 11.73 8.18
C ASP A 108 -0.85 12.50 7.82
N SER A 109 0.09 11.82 7.17
CA SER A 109 1.40 12.36 6.81
C SER A 109 1.29 13.60 5.94
N VAL A 110 0.41 13.54 4.93
CA VAL A 110 0.04 14.70 4.12
C VAL A 110 -1.49 14.78 4.10
N LYS A 111 -2.00 15.93 4.51
CA LYS A 111 -3.45 16.17 4.53
C LYS A 111 -3.90 16.58 3.13
N VAL A 112 -5.07 16.10 2.74
CA VAL A 112 -5.58 16.30 1.40
C VAL A 112 -7.01 16.78 1.46
N THR A 113 -7.32 17.81 0.66
CA THR A 113 -8.67 18.28 0.43
C THR A 113 -9.00 18.16 -1.06
N GLN A 114 -10.28 18.19 -1.40
CA GLN A 114 -10.68 18.10 -2.79
C GLN A 114 -10.35 19.40 -3.48
N LEU A 115 -9.55 19.34 -4.55
CA LEU A 115 -9.09 20.54 -5.26
C LEU A 115 -10.26 21.31 -5.84
N ASP A 116 -11.06 20.63 -6.65
CA ASP A 116 -12.09 21.28 -7.43
C ASP A 116 -13.19 20.27 -7.69
N GLU A 117 -14.42 20.65 -7.36
CA GLU A 117 -15.58 19.80 -7.60
C GLU A 117 -15.59 19.26 -9.04
N GLU A 118 -15.23 20.11 -9.99
CA GLU A 118 -15.24 19.75 -11.41
C GLU A 118 -14.21 18.68 -11.79
N LEU A 119 -13.11 18.58 -11.04
CA LEU A 119 -12.06 17.58 -11.33
C LEU A 119 -12.31 16.23 -10.64
N GLY A 120 -13.28 16.18 -9.75
CA GLY A 120 -13.64 14.95 -9.06
C GLY A 120 -12.61 14.65 -8.01
N HIS A 121 -12.05 13.45 -8.06
CA HIS A 121 -11.19 12.96 -6.99
C HIS A 121 -9.72 13.36 -7.15
N VAL A 122 -9.47 14.64 -7.38
CA VAL A 122 -8.13 15.20 -7.39
C VAL A 122 -7.94 15.99 -6.10
N GLY A 123 -6.85 15.72 -5.39
CA GLY A 123 -6.61 16.32 -4.09
C GLY A 123 -5.59 17.43 -4.13
N LEU A 124 -5.71 18.35 -3.18
CA LEU A 124 -4.71 19.37 -2.94
C LEU A 124 -3.95 19.03 -1.67
N ALA A 125 -2.63 18.90 -1.77
CA ALA A 125 -1.77 18.50 -0.65
C ALA A 125 -1.50 19.66 0.30
N GLN A 126 -1.45 19.37 1.59
CA GLN A 126 -0.92 20.30 2.58
C GLN A 126 -0.19 19.53 3.68
N PRO A 127 0.72 20.20 4.40
CA PRO A 127 1.52 19.47 5.38
C PRO A 127 0.65 18.80 6.42
N GLY A 128 1.04 17.60 6.86
CA GLY A 128 0.29 16.83 7.85
C GLY A 128 1.12 16.57 9.09
N SER A 129 1.04 15.34 9.61
CA SER A 129 1.72 14.96 10.83
C SER A 129 2.95 14.13 10.54
N PRO A 130 4.09 14.49 11.14
CA PRO A 130 5.33 13.74 10.94
C PRO A 130 5.50 12.50 11.86
N LYS A 131 4.55 12.26 12.76
CA LYS A 131 4.75 11.27 13.83
C LYS A 131 5.07 9.88 13.27
N LEU A 132 4.22 9.38 12.39
CA LEU A 132 4.37 8.01 11.90
C LEU A 132 5.70 7.85 11.16
N ILE A 133 5.98 8.74 10.21
CA ILE A 133 7.19 8.58 9.39
C ILE A 133 8.44 8.76 10.25
N ASN A 134 8.41 9.70 11.19
CA ASN A 134 9.53 9.83 12.13
C ASN A 134 9.82 8.51 12.86
N SER A 135 8.78 7.80 13.29
CA SER A 135 9.00 6.56 14.06
C SER A 135 9.52 5.42 13.18
N LEU A 136 9.10 5.38 11.92
CA LEU A 136 9.65 4.41 10.97
C LEU A 136 11.12 4.68 10.68
N LEU A 137 11.44 5.96 10.45
CA LEU A 137 12.82 6.39 10.21
C LEU A 137 13.72 6.10 11.43
N GLU A 138 13.23 6.39 12.62
CA GLU A 138 13.93 6.05 13.87
C GLU A 138 14.30 4.56 13.97
N ASN A 139 13.42 3.70 13.45
CA ASN A 139 13.63 2.26 13.50
C ASN A 139 14.33 1.68 12.27
N GLY A 140 14.86 2.55 11.42
CA GLY A 140 15.69 2.14 10.29
C GLY A 140 14.98 1.69 9.03
N TYR A 141 13.70 2.04 8.87
CA TYR A 141 12.96 1.74 7.64
C TYR A 141 13.06 2.88 6.62
N LEU A 142 12.98 2.51 5.34
CA LEU A 142 12.90 3.46 4.22
C LEU A 142 11.46 3.56 3.76
N PRO A 143 10.74 4.63 4.16
CA PRO A 143 9.37 4.77 3.69
C PRO A 143 9.27 5.14 2.21
N VAL A 144 8.36 4.46 1.51
CA VAL A 144 8.12 4.65 0.08
C VAL A 144 6.66 5.04 -0.04
N VAL A 145 6.42 6.30 -0.36
CA VAL A 145 5.12 6.93 -0.19
C VAL A 145 4.49 7.27 -1.54
N SER A 146 3.31 6.72 -1.83
CA SER A 146 2.60 6.99 -3.08
C SER A 146 1.82 8.28 -2.95
N SER A 147 1.43 8.85 -4.08
CA SER A 147 0.77 10.16 -4.09
C SER A 147 -0.77 10.08 -4.11
N ILE A 148 -1.33 8.95 -3.69
CA ILE A 148 -2.75 8.87 -3.36
C ILE A 148 -2.91 9.30 -1.92
N GLY A 149 -3.96 10.10 -1.66
CA GLY A 149 -4.32 10.50 -0.29
C GLY A 149 -5.78 10.27 0.00
N VAL A 150 -6.25 10.78 1.13
CA VAL A 150 -7.65 10.61 1.52
C VAL A 150 -8.08 11.83 2.35
N THR A 151 -9.29 12.31 2.13
CA THR A 151 -9.79 13.46 2.87
C THR A 151 -10.19 13.01 4.28
N ASP A 152 -10.40 13.97 5.18
CA ASP A 152 -10.84 13.65 6.54
C ASP A 152 -12.20 12.94 6.57
N GLU A 153 -12.97 13.08 5.49
CA GLU A 153 -14.28 12.45 5.37
C GLU A 153 -14.20 11.04 4.76
N GLY A 154 -13.02 10.62 4.32
CA GLY A 154 -12.83 9.26 3.80
C GLY A 154 -12.92 9.11 2.29
N GLN A 155 -12.72 10.19 1.54
CA GLN A 155 -12.72 10.12 0.07
C GLN A 155 -11.30 10.07 -0.47
N LEU A 156 -11.01 9.04 -1.27
CA LEU A 156 -9.71 8.88 -1.89
C LEU A 156 -9.46 9.98 -2.94
N MET A 157 -8.21 10.40 -3.03
CA MET A 157 -7.83 11.53 -3.86
C MET A 157 -6.50 11.24 -4.53
N ASN A 158 -6.44 11.57 -5.82
CA ASN A 158 -5.21 11.52 -6.60
C ASN A 158 -4.51 12.88 -6.51
N VAL A 159 -3.27 12.90 -6.05
CA VAL A 159 -2.55 14.15 -5.78
C VAL A 159 -1.32 14.25 -6.66
N ASN A 160 -1.07 15.46 -7.18
CA ASN A 160 0.18 15.73 -7.91
C ASN A 160 1.37 15.32 -7.04
N ALA A 161 2.25 14.49 -7.59
CA ALA A 161 3.34 13.89 -6.81
C ALA A 161 4.41 14.89 -6.37
N ASP A 162 4.73 15.86 -7.22
CA ASP A 162 5.64 16.95 -6.88
C ASP A 162 5.10 17.73 -5.67
N GLN A 163 3.83 18.09 -5.72
CA GLN A 163 3.20 18.83 -4.64
C GLN A 163 3.07 17.97 -3.39
N ALA A 164 2.78 16.68 -3.56
CA ALA A 164 2.75 15.75 -2.42
C ALA A 164 4.13 15.69 -1.74
N ALA A 165 5.17 15.61 -2.57
CA ALA A 165 6.52 15.50 -2.04
C ALA A 165 6.91 16.77 -1.31
N THR A 166 6.45 17.91 -1.82
CA THR A 166 6.69 19.21 -1.22
C THR A 166 6.00 19.29 0.15
N ALA A 167 4.74 18.86 0.21
CA ALA A 167 4.00 18.86 1.47
C ALA A 167 4.69 17.99 2.50
N LEU A 168 5.19 16.83 2.06
CA LEU A 168 5.81 15.90 2.99
C LEU A 168 7.16 16.44 3.49
N ALA A 169 7.90 17.11 2.60
CA ALA A 169 9.15 17.78 2.95
C ALA A 169 8.94 18.85 4.03
N ALA A 170 7.91 19.66 3.85
CA ALA A 170 7.51 20.65 4.84
C ALA A 170 7.15 19.95 6.16
N THR A 171 6.37 18.87 6.08
CA THR A 171 5.91 18.13 7.27
C THR A 171 7.06 17.61 8.14
N LEU A 172 8.08 17.05 7.49
CA LEU A 172 9.23 16.42 8.16
C LEU A 172 10.43 17.34 8.41
N GLY A 173 10.39 18.55 7.89
CA GLY A 173 11.59 19.42 7.91
C GLY A 173 12.71 18.85 7.05
N ALA A 174 12.33 18.25 5.94
CA ALA A 174 13.25 17.49 5.07
C ALA A 174 13.73 18.32 3.89
N ASP A 175 14.85 17.91 3.30
CA ASP A 175 15.30 18.45 2.03
C ASP A 175 14.63 17.67 0.91
N LEU A 176 14.66 18.20 -0.30
CA LEU A 176 13.90 17.63 -1.40
C LEU A 176 14.69 17.57 -2.71
N ILE A 177 14.66 16.41 -3.36
CA ILE A 177 15.22 16.23 -4.70
C ILE A 177 14.10 15.71 -5.60
N LEU A 178 13.94 16.35 -6.75
CA LEU A 178 13.01 15.88 -7.78
C LEU A 178 13.85 15.14 -8.84
N LEU A 179 13.81 13.81 -8.80
CA LEU A 179 14.57 12.95 -9.72
C LEU A 179 13.74 12.63 -10.94
N SER A 180 14.29 12.90 -12.13
CA SER A 180 13.61 12.52 -13.35
C SER A 180 14.60 12.40 -14.51
N ASP A 181 14.17 12.82 -15.69
CA ASP A 181 14.93 12.60 -16.93
C ASP A 181 16.01 13.66 -17.16
N VAL A 182 15.84 14.83 -16.54
CA VAL A 182 16.77 15.93 -16.67
C VAL A 182 17.89 15.84 -15.63
N SER A 183 19.12 15.67 -16.10
CA SER A 183 20.29 15.56 -15.21
C SER A 183 20.67 16.90 -14.59
N GLY A 184 20.35 17.99 -15.29
CA GLY A 184 20.70 19.34 -14.84
C GLY A 184 20.63 20.31 -16.01
N ILE A 185 20.22 21.54 -15.73
CA ILE A 185 20.13 22.58 -16.75
C ILE A 185 21.52 23.06 -17.12
N LEU A 186 21.74 23.35 -18.38
CA LEU A 186 22.99 23.94 -18.84
C LEU A 186 22.74 25.36 -19.33
N ASP A 187 23.74 26.22 -19.17
CA ASP A 187 23.65 27.61 -19.64
C ASP A 187 23.69 27.66 -21.17
N GLY A 188 23.70 28.87 -21.72
CA GLY A 188 23.85 29.06 -23.17
C GLY A 188 25.20 28.63 -23.75
N LYS A 189 26.07 28.06 -22.92
CA LYS A 189 27.36 27.49 -23.35
C LYS A 189 27.47 26.00 -23.09
N GLY A 190 26.37 25.34 -22.73
CA GLY A 190 26.37 23.91 -22.46
C GLY A 190 27.15 23.53 -21.21
N GLN A 191 27.16 24.41 -20.22
CA GLN A 191 27.82 24.16 -18.94
C GLN A 191 26.75 24.01 -17.86
N ARG A 192 26.78 22.89 -17.14
CA ARG A 192 25.80 22.65 -16.08
C ARG A 192 25.86 23.79 -15.08
N ILE A 193 24.71 24.40 -14.82
CA ILE A 193 24.59 25.43 -13.80
C ILE A 193 24.22 24.73 -12.49
N ALA A 194 25.14 24.78 -11.53
CA ALA A 194 25.00 24.04 -10.28
C ALA A 194 23.91 24.64 -9.37
N GLU A 195 23.73 25.95 -9.44
CA GLU A 195 22.74 26.63 -8.63
C GLU A 195 22.09 27.75 -9.42
N MET A 196 20.77 27.84 -9.32
CA MET A 196 19.99 28.77 -10.12
C MET A 196 18.91 29.45 -9.28
N THR A 197 18.92 30.77 -9.26
CA THR A 197 17.84 31.54 -8.61
C THR A 197 16.61 31.54 -9.50
N ALA A 198 15.48 31.93 -8.90
CA ALA A 198 14.26 32.17 -9.64
C ALA A 198 14.51 33.19 -10.76
N ALA A 199 15.21 34.28 -10.42
CA ALA A 199 15.54 35.35 -11.37
C ALA A 199 16.26 34.83 -12.61
N LYS A 200 17.33 34.05 -12.44
CA LYS A 200 18.07 33.51 -13.60
C LYS A 200 17.28 32.44 -14.33
N ALA A 201 16.43 31.71 -13.61
CA ALA A 201 15.53 30.76 -14.24
C ALA A 201 14.59 31.50 -15.18
N GLU A 202 13.93 32.55 -14.67
CA GLU A 202 13.00 33.35 -15.47
C GLU A 202 13.70 34.02 -16.67
N GLN A 203 14.92 34.50 -16.48
CA GLN A 203 15.70 35.04 -17.59
C GLN A 203 15.98 33.94 -18.60
N LEU A 204 16.61 32.86 -18.14
CA LEU A 204 17.03 31.77 -19.02
C LEU A 204 15.91 31.19 -19.87
N ILE A 205 14.68 31.22 -19.35
CA ILE A 205 13.53 30.65 -20.06
C ILE A 205 13.34 31.29 -21.44
N GLU A 206 12.80 32.51 -21.48
CA GLU A 206 12.52 33.13 -22.78
C GLU A 206 13.63 34.06 -23.28
N GLN A 207 14.80 33.96 -22.65
CA GLN A 207 16.07 34.24 -23.32
C GLN A 207 16.34 33.08 -24.30
N GLY A 208 15.57 32.00 -24.16
CA GLY A 208 15.53 30.93 -25.15
C GLY A 208 16.31 29.68 -24.75
N ILE A 209 16.97 29.72 -23.60
CA ILE A 209 17.87 28.63 -23.21
C ILE A 209 17.13 27.46 -22.56
N ILE A 210 16.17 27.77 -21.69
CA ILE A 210 15.34 26.73 -21.07
C ILE A 210 14.02 26.65 -21.83
N THR A 211 13.79 25.52 -22.49
CA THR A 211 12.64 25.36 -23.39
C THR A 211 11.89 24.05 -23.16
N ASP A 212 10.80 23.86 -23.91
CA ASP A 212 10.04 22.60 -23.97
C ASP A 212 9.54 22.15 -22.59
N GLY A 213 9.45 20.83 -22.37
CA GLY A 213 9.08 20.27 -21.07
C GLY A 213 10.01 20.64 -19.92
N MET A 214 11.21 21.11 -20.26
CA MET A 214 12.17 21.60 -19.27
C MET A 214 11.62 22.81 -18.52
N ILE A 215 10.79 23.60 -19.20
CA ILE A 215 10.08 24.71 -18.57
C ILE A 215 9.21 24.20 -17.41
N VAL A 216 8.55 23.06 -17.64
CA VAL A 216 7.65 22.49 -16.64
C VAL A 216 8.44 21.89 -15.48
N LYS A 217 9.55 21.24 -15.78
CA LYS A 217 10.42 20.64 -14.77
C LYS A 217 11.03 21.70 -13.86
N VAL A 218 11.51 22.79 -14.45
CA VAL A 218 12.07 23.90 -13.70
C VAL A 218 10.98 24.60 -12.92
N ASN A 219 9.83 24.85 -13.55
CA ASN A 219 8.72 25.48 -12.84
C ASN A 219 8.23 24.64 -11.65
N ALA A 220 8.24 23.31 -11.78
CA ALA A 220 7.87 22.42 -10.66
C ALA A 220 8.79 22.60 -9.45
N ALA A 221 10.10 22.63 -9.72
CA ALA A 221 11.12 22.85 -8.68
C ALA A 221 11.04 24.24 -8.06
N LEU A 222 10.76 25.26 -8.88
CA LEU A 222 10.59 26.63 -8.40
C LEU A 222 9.37 26.72 -7.50
N ASP A 223 8.27 26.10 -7.89
CA ASP A 223 7.08 26.07 -7.04
C ASP A 223 7.39 25.40 -5.72
N ALA A 224 8.13 24.29 -5.77
CA ALA A 224 8.47 23.53 -4.56
C ALA A 224 9.37 24.36 -3.63
N ALA A 225 10.44 24.92 -4.19
CA ALA A 225 11.36 25.80 -3.44
C ALA A 225 10.69 27.04 -2.86
N ARG A 226 9.78 27.65 -3.62
CA ARG A 226 9.02 28.80 -3.15
C ARG A 226 8.22 28.46 -1.91
N THR A 227 7.56 27.31 -1.95
CA THR A 227 6.81 26.81 -0.80
C THR A 227 7.73 26.47 0.37
N LEU A 228 8.76 25.66 0.10
CA LEU A 228 9.59 25.10 1.17
C LEU A 228 10.41 26.15 1.90
N GLY A 229 10.99 27.09 1.16
CA GLY A 229 11.87 28.11 1.74
C GLY A 229 13.31 27.67 1.85
N ARG A 230 13.60 26.48 1.34
CA ARG A 230 14.97 26.04 1.10
C ARG A 230 15.09 25.52 -0.33
N PRO A 231 16.33 25.31 -0.81
CA PRO A 231 16.48 24.95 -2.21
C PRO A 231 15.96 23.54 -2.51
N VAL A 232 15.62 23.32 -3.78
CA VAL A 232 15.17 22.01 -4.25
C VAL A 232 16.04 21.63 -5.44
N ASP A 233 16.56 20.40 -5.44
CA ASP A 233 17.43 19.92 -6.53
C ASP A 233 16.67 19.20 -7.66
N ILE A 234 17.09 19.49 -8.89
CA ILE A 234 16.69 18.73 -10.07
C ILE A 234 17.87 17.83 -10.40
N ALA A 235 17.61 16.55 -10.63
CA ALA A 235 18.68 15.63 -11.01
C ALA A 235 18.12 14.42 -11.76
N SER A 236 19.03 13.66 -12.37
CA SER A 236 18.68 12.44 -13.06
C SER A 236 19.51 11.27 -12.51
N TRP A 237 19.26 10.09 -13.06
CA TRP A 237 19.99 8.87 -12.67
C TRP A 237 21.20 8.66 -13.57
N ARG A 238 21.29 9.45 -14.64
CA ARG A 238 22.37 9.38 -15.63
C ARG A 238 23.71 8.96 -15.02
N HIS A 239 24.26 9.79 -14.14
CA HIS A 239 25.56 9.51 -13.53
C HIS A 239 25.34 8.84 -12.19
N ALA A 240 24.94 7.57 -12.25
CA ALA A 240 24.69 6.74 -11.07
C ALA A 240 25.65 7.08 -9.92
N GLU A 241 26.93 7.16 -10.23
CA GLU A 241 27.99 7.33 -9.24
C GLU A 241 27.93 8.66 -8.45
N GLN A 242 27.23 9.66 -9.00
CA GLN A 242 27.11 10.95 -8.30
C GLN A 242 25.88 11.01 -7.39
N LEU A 243 24.95 10.05 -7.54
CA LEU A 243 23.72 10.04 -6.74
C LEU A 243 23.97 10.02 -5.22
N PRO A 244 24.91 9.17 -4.75
CA PRO A 244 25.23 9.19 -3.33
C PRO A 244 25.67 10.56 -2.82
N ALA A 245 26.51 11.25 -3.59
CA ALA A 245 26.92 12.62 -3.26
C ALA A 245 25.73 13.56 -3.28
N LEU A 246 24.89 13.43 -4.31
CA LEU A 246 23.62 14.18 -4.36
C LEU A 246 22.81 13.96 -3.09
N PHE A 247 22.67 12.71 -2.66
CA PHE A 247 21.88 12.40 -1.45
C PHE A 247 22.49 13.01 -0.18
N ASN A 248 23.81 13.13 -0.19
CA ASN A 248 24.55 13.71 0.93
C ASN A 248 24.42 15.24 0.99
N GLY A 249 23.84 15.85 -0.05
CA GLY A 249 23.56 17.28 -0.07
C GLY A 249 24.37 18.10 -1.07
N MET A 250 25.24 17.46 -1.85
CA MET A 250 26.02 18.16 -2.86
C MET A 250 25.16 18.49 -4.07
N PRO A 251 25.26 19.71 -4.63
CA PRO A 251 24.45 20.07 -5.80
C PRO A 251 25.03 19.49 -7.10
N MET A 252 24.73 18.24 -7.38
CA MET A 252 25.28 17.52 -8.54
C MET A 252 24.40 17.66 -9.78
N GLY A 253 23.18 18.16 -9.58
CA GLY A 253 22.29 18.44 -10.70
C GLY A 253 22.19 19.95 -10.88
N THR A 254 20.98 20.47 -10.71
CA THR A 254 20.77 21.90 -10.66
C THR A 254 19.88 22.23 -9.47
N ARG A 255 20.44 22.99 -8.54
CA ARG A 255 19.78 23.44 -7.33
C ARG A 255 19.01 24.74 -7.59
N ILE A 256 17.71 24.73 -7.28
CA ILE A 256 16.82 25.86 -7.50
C ILE A 256 16.59 26.58 -6.20
N LEU A 257 16.84 27.88 -6.20
CA LEU A 257 16.67 28.72 -5.03
C LEU A 257 15.58 29.73 -5.32
N ALA A 258 14.47 29.65 -4.59
CA ALA A 258 13.33 30.56 -4.82
C ALA A 258 12.50 30.79 -3.55
N MET B 1 3.45 -7.46 27.15
CA MET B 1 2.69 -8.58 26.57
C MET B 1 1.49 -8.11 25.77
N MET B 2 1.40 -8.55 24.51
CA MET B 2 0.23 -8.32 23.68
C MET B 2 -0.34 -9.62 23.13
N ASN B 3 -1.64 -9.63 22.90
CA ASN B 3 -2.33 -10.74 22.30
C ASN B 3 -3.23 -10.16 21.21
N PRO B 4 -2.64 -9.77 20.08
CA PRO B 4 -3.46 -9.06 19.09
C PRO B 4 -4.52 -9.97 18.48
N LEU B 5 -5.56 -9.36 17.93
CA LEU B 5 -6.60 -10.08 17.19
C LEU B 5 -6.54 -9.71 15.71
N ILE B 6 -6.34 -10.72 14.87
CA ILE B 6 -6.42 -10.55 13.43
C ILE B 6 -7.84 -10.85 12.96
N ILE B 7 -8.44 -9.89 12.25
CA ILE B 7 -9.71 -10.11 11.61
C ILE B 7 -9.45 -10.17 10.11
N LYS B 8 -9.75 -11.30 9.50
CA LYS B 8 -9.54 -11.46 8.08
C LYS B 8 -10.82 -11.16 7.31
N LEU B 9 -10.67 -10.29 6.30
CA LEU B 9 -11.78 -9.82 5.48
C LEU B 9 -11.54 -10.26 4.05
N GLY B 10 -12.63 -10.44 3.31
CA GLY B 10 -12.52 -10.86 1.92
C GLY B 10 -13.89 -10.95 1.26
N GLY B 11 -13.88 -11.33 -0.02
CA GLY B 11 -15.11 -11.56 -0.77
C GLY B 11 -16.02 -10.35 -0.90
N VAL B 12 -17.33 -10.62 -0.85
CA VAL B 12 -18.34 -9.62 -1.22
C VAL B 12 -18.48 -8.48 -0.19
N LEU B 13 -18.01 -8.70 1.02
CA LEU B 13 -17.93 -7.65 2.05
C LEU B 13 -17.22 -6.39 1.54
N LEU B 14 -16.09 -6.60 0.86
CA LEU B 14 -15.25 -5.50 0.42
C LEU B 14 -16.00 -4.59 -0.55
N ASP B 15 -17.09 -5.11 -1.13
CA ASP B 15 -17.94 -4.38 -2.08
C ASP B 15 -19.28 -3.90 -1.53
N SER B 16 -19.52 -4.08 -0.22
CA SER B 16 -20.81 -3.71 0.35
C SER B 16 -20.65 -2.51 1.28
N GLU B 17 -21.10 -1.34 0.82
CA GLU B 17 -20.98 -0.11 1.59
C GLU B 17 -21.65 -0.20 2.96
N GLU B 18 -22.89 -0.66 2.99
CA GLU B 18 -23.64 -0.76 4.24
C GLU B 18 -22.93 -1.73 5.20
N ALA B 19 -22.46 -2.85 4.67
CA ALA B 19 -21.78 -3.86 5.47
C ALA B 19 -20.46 -3.33 6.04
N LEU B 20 -19.74 -2.56 5.23
CA LEU B 20 -18.47 -1.96 5.69
C LEU B 20 -18.73 -0.92 6.79
N GLU B 21 -19.73 -0.09 6.59
CA GLU B 21 -20.10 0.88 7.61
C GLU B 21 -20.38 0.18 8.94
N ARG B 22 -21.17 -0.89 8.92
CA ARG B 22 -21.50 -1.61 10.15
C ARG B 22 -20.26 -2.29 10.75
N LEU B 23 -19.39 -2.85 9.91
CA LEU B 23 -18.15 -3.48 10.38
C LEU B 23 -17.29 -2.45 11.08
N PHE B 24 -17.07 -1.30 10.46
CA PHE B 24 -16.20 -0.29 11.04
C PHE B 24 -16.79 0.30 12.33
N SER B 25 -18.12 0.39 12.40
CA SER B 25 -18.77 0.80 13.65
C SER B 25 -18.51 -0.21 14.77
N ALA B 26 -18.49 -1.50 14.42
CA ALA B 26 -18.18 -2.56 15.38
C ALA B 26 -16.70 -2.51 15.81
N LEU B 27 -15.81 -2.21 14.87
CA LEU B 27 -14.40 -2.07 15.20
C LEU B 27 -14.21 -0.96 16.23
N VAL B 28 -14.85 0.18 15.97
CA VAL B 28 -14.81 1.32 16.90
C VAL B 28 -15.39 0.91 18.25
N ASN B 29 -16.53 0.24 18.25
CA ASN B 29 -17.14 -0.19 19.50
C ASN B 29 -16.19 -1.10 20.30
N TYR B 30 -15.55 -2.05 19.63
CA TYR B 30 -14.60 -2.91 20.34
C TYR B 30 -13.42 -2.09 20.90
N ARG B 31 -12.87 -1.22 20.06
CA ARG B 31 -11.73 -0.40 20.46
C ARG B 31 -12.01 0.54 21.64
N GLU B 32 -13.23 1.05 21.75
CA GLU B 32 -13.58 1.97 22.85
C GLU B 32 -13.61 1.27 24.22
N SER B 33 -13.82 -0.04 24.20
CA SER B 33 -13.98 -0.82 25.44
C SER B 33 -12.83 -1.78 25.72
N HIS B 34 -11.88 -1.92 24.80
CA HIS B 34 -10.77 -2.89 24.91
C HIS B 34 -9.43 -2.25 24.58
N GLN B 35 -8.42 -2.62 25.34
CA GLN B 35 -7.04 -2.27 25.04
C GLN B 35 -6.38 -3.22 24.01
N ARG B 36 -6.82 -4.48 23.96
CA ARG B 36 -6.17 -5.45 23.07
C ARG B 36 -6.28 -4.99 21.62
N PRO B 37 -5.13 -4.87 20.92
CA PRO B 37 -5.11 -4.30 19.57
C PRO B 37 -5.57 -5.21 18.46
N LEU B 38 -6.16 -4.58 17.43
CA LEU B 38 -6.67 -5.25 16.25
C LEU B 38 -5.71 -5.12 15.07
N VAL B 39 -5.76 -6.11 14.19
CA VAL B 39 -5.08 -6.10 12.90
C VAL B 39 -6.08 -6.61 11.88
N ILE B 40 -6.10 -6.02 10.70
CA ILE B 40 -6.91 -6.54 9.61
C ILE B 40 -5.95 -7.14 8.59
N VAL B 41 -6.30 -8.33 8.10
CA VAL B 41 -5.70 -8.91 6.90
C VAL B 41 -6.84 -9.07 5.92
N HIS B 42 -6.59 -8.76 4.64
CA HIS B 42 -7.65 -8.87 3.65
C HIS B 42 -7.19 -9.43 2.33
N GLY B 43 -8.15 -10.02 1.63
CA GLY B 43 -7.95 -10.47 0.26
C GLY B 43 -8.49 -9.41 -0.68
N GLY B 44 -8.72 -9.83 -1.92
CA GLY B 44 -9.11 -8.92 -2.99
C GLY B 44 -10.50 -9.16 -3.53
N GLY B 45 -11.18 -10.17 -3.00
CA GLY B 45 -12.59 -10.44 -3.31
C GLY B 45 -13.06 -10.05 -4.70
N CYS B 46 -14.10 -9.23 -4.74
CA CYS B 46 -14.71 -8.80 -5.99
C CYS B 46 -13.84 -7.81 -6.76
N VAL B 47 -12.99 -7.08 -6.03
CA VAL B 47 -12.18 -6.02 -6.62
C VAL B 47 -11.26 -6.56 -7.72
N VAL B 48 -10.62 -7.70 -7.47
CA VAL B 48 -9.77 -8.33 -8.47
C VAL B 48 -10.61 -8.87 -9.64
N ASP B 49 -11.63 -9.66 -9.36
CA ASP B 49 -12.46 -10.22 -10.43
C ASP B 49 -13.08 -9.13 -11.31
N GLU B 50 -13.50 -8.03 -10.69
CA GLU B 50 -14.12 -6.92 -11.41
C GLU B 50 -13.15 -6.29 -12.43
N LEU B 51 -11.88 -6.13 -12.03
CA LEU B 51 -10.84 -5.61 -12.92
C LEU B 51 -10.51 -6.59 -14.05
N MET B 52 -10.53 -7.88 -13.74
CA MET B 52 -10.25 -8.92 -14.73
C MET B 52 -11.33 -8.94 -15.80
N LYS B 53 -12.59 -8.84 -15.38
CA LYS B 53 -13.73 -8.74 -16.30
C LYS B 53 -13.55 -7.54 -17.23
N GLY B 54 -13.32 -6.37 -16.65
CA GLY B 54 -13.14 -5.15 -17.42
C GLY B 54 -11.98 -5.20 -18.39
N LEU B 55 -10.96 -5.98 -18.05
CA LEU B 55 -9.83 -6.23 -18.95
C LEU B 55 -10.10 -7.45 -19.86
N ASN B 56 -11.20 -8.15 -19.62
CA ASN B 56 -11.56 -9.35 -20.40
C ASN B 56 -10.47 -10.43 -20.30
N LEU B 57 -9.94 -10.64 -19.09
CA LEU B 57 -8.89 -11.63 -18.85
C LEU B 57 -9.45 -12.86 -18.15
N PRO B 58 -8.94 -14.06 -18.51
CA PRO B 58 -9.37 -15.33 -17.91
C PRO B 58 -9.12 -15.44 -16.41
N VAL B 59 -10.19 -15.65 -15.65
CA VAL B 59 -10.10 -15.93 -14.22
C VAL B 59 -9.92 -17.45 -14.05
N LYS B 60 -8.67 -17.90 -14.16
CA LYS B 60 -8.33 -19.31 -14.02
C LYS B 60 -8.07 -19.63 -12.54
N LYS B 61 -8.89 -20.52 -11.97
CA LYS B 61 -8.72 -20.96 -10.59
C LYS B 61 -8.46 -22.46 -10.55
N LYS B 62 -7.23 -22.83 -10.22
CA LYS B 62 -6.85 -24.23 -10.04
C LYS B 62 -6.92 -24.56 -8.56
N ASN B 63 -7.81 -25.49 -8.22
CA ASN B 63 -8.15 -25.77 -6.83
C ASN B 63 -8.63 -24.47 -6.16
N GLY B 64 -8.10 -24.11 -5.00
CA GLY B 64 -8.53 -22.87 -4.34
C GLY B 64 -7.98 -21.61 -4.97
N LEU B 65 -6.87 -21.74 -5.69
CA LEU B 65 -5.97 -20.60 -5.97
C LEU B 65 -6.01 -20.10 -7.42
N ARG B 66 -6.17 -18.79 -7.58
CA ARG B 66 -6.08 -18.14 -8.89
C ARG B 66 -4.69 -18.38 -9.48
N VAL B 67 -4.63 -19.11 -10.60
CA VAL B 67 -3.39 -19.14 -11.38
C VAL B 67 -3.04 -17.68 -11.66
N THR B 68 -1.84 -17.25 -11.29
CA THR B 68 -1.44 -15.84 -11.43
C THR B 68 -0.26 -15.67 -12.40
N PRO B 69 -0.54 -15.48 -13.69
CA PRO B 69 0.54 -15.34 -14.67
C PRO B 69 1.48 -14.16 -14.41
N ALA B 70 2.71 -14.30 -14.89
CA ALA B 70 3.74 -13.28 -14.78
C ALA B 70 3.29 -11.95 -15.36
N ASP B 71 2.50 -12.01 -16.43
CA ASP B 71 2.00 -10.78 -17.07
C ASP B 71 0.70 -10.24 -16.43
N GLN B 72 0.26 -10.82 -15.32
CA GLN B 72 -0.92 -10.33 -14.61
C GLN B 72 -0.70 -9.96 -13.15
N ILE B 73 0.46 -10.33 -12.58
CA ILE B 73 0.73 -10.07 -11.17
C ILE B 73 0.68 -8.57 -10.83
N ASP B 74 1.19 -7.72 -11.71
CA ASP B 74 1.13 -6.26 -11.48
C ASP B 74 -0.31 -5.75 -11.38
N ILE B 75 -1.16 -6.20 -12.31
CA ILE B 75 -2.56 -5.80 -12.34
C ILE B 75 -3.29 -6.28 -11.08
N ILE B 76 -3.04 -7.53 -10.70
CA ILE B 76 -3.65 -8.13 -9.51
C ILE B 76 -3.15 -7.44 -8.26
N THR B 77 -1.85 -7.14 -8.23
CA THR B 77 -1.24 -6.40 -7.11
C THR B 77 -1.91 -5.06 -6.92
N GLY B 78 -2.19 -4.37 -8.03
CA GLY B 78 -2.88 -3.08 -7.97
C GLY B 78 -4.27 -3.19 -7.35
N ALA B 79 -5.02 -4.20 -7.75
CA ALA B 79 -6.39 -4.39 -7.28
C ALA B 79 -6.41 -4.74 -5.79
N LEU B 80 -5.45 -5.53 -5.36
CA LEU B 80 -5.44 -6.12 -4.03
C LEU B 80 -4.66 -5.24 -3.02
N ALA B 81 -3.37 -5.01 -3.29
CA ALA B 81 -2.53 -4.21 -2.42
C ALA B 81 -2.84 -2.73 -2.51
N GLY B 82 -3.43 -2.32 -3.64
CA GLY B 82 -3.84 -0.93 -3.87
C GLY B 82 -5.30 -0.64 -3.56
N THR B 83 -6.19 -1.00 -4.47
CA THR B 83 -7.61 -0.64 -4.35
C THR B 83 -8.27 -1.18 -3.08
N ALA B 84 -8.17 -2.49 -2.84
CA ALA B 84 -8.80 -3.10 -1.67
C ALA B 84 -8.24 -2.53 -0.36
N ASN B 85 -6.93 -2.40 -0.30
CA ASN B 85 -6.25 -1.90 0.89
C ASN B 85 -6.66 -0.44 1.17
N LYS B 86 -6.58 0.41 0.16
CA LYS B 86 -6.83 1.84 0.36
C LYS B 86 -8.31 2.12 0.58
N THR B 87 -9.20 1.29 0.02
CA THR B 87 -10.62 1.39 0.36
C THR B 87 -10.82 1.22 1.87
N LEU B 88 -10.20 0.19 2.43
CA LEU B 88 -10.32 -0.05 3.87
C LEU B 88 -9.69 1.08 4.70
N LEU B 89 -8.57 1.61 4.23
CA LEU B 89 -7.94 2.75 4.91
C LEU B 89 -8.83 3.98 4.87
N ALA B 90 -9.58 4.15 3.78
CA ALA B 90 -10.55 5.25 3.68
C ALA B 90 -11.70 5.11 4.67
N TRP B 91 -12.23 3.90 4.79
CA TRP B 91 -13.22 3.60 5.84
C TRP B 91 -12.65 3.86 7.23
N ALA B 92 -11.41 3.43 7.47
CA ALA B 92 -10.77 3.67 8.76
C ALA B 92 -10.76 5.17 9.05
N LYS B 93 -10.36 5.96 8.05
CA LYS B 93 -10.31 7.42 8.19
C LYS B 93 -11.69 8.03 8.49
N LYS B 94 -12.70 7.61 7.74
CA LYS B 94 -14.08 8.02 8.01
C LYS B 94 -14.49 7.81 9.48
N HIS B 95 -14.04 6.71 10.08
CA HIS B 95 -14.41 6.38 11.46
C HIS B 95 -13.36 6.82 12.49
N GLN B 96 -12.45 7.71 12.05
CA GLN B 96 -11.45 8.33 12.93
C GLN B 96 -10.49 7.31 13.54
N ILE B 97 -10.23 6.23 12.82
CA ILE B 97 -9.29 5.20 13.25
C ILE B 97 -7.95 5.49 12.57
N ALA B 98 -6.89 5.57 13.37
CA ALA B 98 -5.52 5.69 12.86
C ALA B 98 -5.07 4.32 12.37
N ALA B 99 -5.09 4.16 11.05
CA ALA B 99 -4.77 2.92 10.39
C ALA B 99 -3.50 3.12 9.56
N VAL B 100 -2.78 2.03 9.34
CA VAL B 100 -1.60 2.04 8.47
C VAL B 100 -1.69 0.85 7.53
N GLY B 101 -1.67 1.13 6.23
CA GLY B 101 -1.73 0.07 5.22
C GLY B 101 -0.38 -0.62 4.99
N LEU B 102 -0.40 -1.95 4.99
CA LEU B 102 0.79 -2.73 4.68
C LEU B 102 0.49 -3.86 3.70
N PHE B 103 1.55 -4.45 3.15
CA PHE B 103 1.46 -5.75 2.48
C PHE B 103 2.40 -6.69 3.22
N LEU B 104 2.41 -7.96 2.82
CA LEU B 104 3.08 -9.01 3.58
C LEU B 104 4.58 -8.77 3.69
N GLY B 105 5.15 -8.10 2.68
CA GLY B 105 6.59 -7.87 2.63
C GLY B 105 7.11 -6.77 3.54
N ASP B 106 6.22 -5.87 3.99
CA ASP B 106 6.66 -4.77 4.85
C ASP B 106 7.16 -5.36 6.16
N GLY B 107 8.37 -4.98 6.55
CA GLY B 107 9.02 -5.56 7.73
C GLY B 107 9.23 -7.07 7.68
N ASP B 108 9.15 -7.66 6.49
CA ASP B 108 9.18 -9.11 6.32
C ASP B 108 8.23 -9.82 7.28
N SER B 109 7.02 -9.28 7.37
CA SER B 109 6.01 -9.71 8.34
C SER B 109 5.57 -11.15 8.08
N VAL B 110 5.35 -11.46 6.80
CA VAL B 110 5.09 -12.81 6.35
C VAL B 110 6.01 -13.13 5.19
N LYS B 111 6.76 -14.22 5.31
CA LYS B 111 7.69 -14.59 4.25
C LYS B 111 6.95 -15.40 3.22
N VAL B 112 7.38 -15.25 1.97
CA VAL B 112 6.70 -15.84 0.83
C VAL B 112 7.68 -16.48 -0.15
N THR B 113 7.38 -17.70 -0.56
CA THR B 113 8.11 -18.40 -1.61
C THR B 113 7.10 -18.74 -2.71
N GLN B 114 7.58 -19.01 -3.91
CA GLN B 114 6.69 -19.41 -4.99
C GLN B 114 6.14 -20.82 -4.69
N LEU B 115 4.81 -20.93 -4.59
CA LEU B 115 4.15 -22.20 -4.26
C LEU B 115 4.39 -23.29 -5.30
N ASP B 116 4.21 -22.93 -6.58
CA ASP B 116 4.29 -23.90 -7.68
C ASP B 116 4.55 -23.17 -9.00
N GLU B 117 5.59 -23.57 -9.72
CA GLU B 117 5.95 -22.92 -10.98
C GLU B 117 4.74 -22.84 -11.92
N GLU B 118 3.90 -23.88 -11.91
CA GLU B 118 2.69 -23.93 -12.73
C GLU B 118 1.61 -22.90 -12.37
N LEU B 119 1.57 -22.47 -11.11
CA LEU B 119 0.58 -21.46 -10.69
C LEU B 119 1.05 -20.04 -10.97
N GLY B 120 2.28 -19.88 -11.48
CA GLY B 120 2.86 -18.58 -11.73
C GLY B 120 3.22 -17.88 -10.43
N HIS B 121 2.80 -16.63 -10.29
CA HIS B 121 3.16 -15.80 -9.14
C HIS B 121 2.16 -15.99 -8.00
N VAL B 122 2.00 -17.23 -7.56
CA VAL B 122 1.23 -17.54 -6.36
C VAL B 122 2.22 -17.88 -5.26
N GLY B 123 2.06 -17.24 -4.12
CA GLY B 123 3.01 -17.38 -3.02
C GLY B 123 2.52 -18.31 -1.94
N LEU B 124 3.46 -18.99 -1.31
CA LEU B 124 3.22 -19.80 -0.12
C LEU B 124 3.69 -19.01 1.10
N ALA B 125 2.77 -18.72 2.01
CA ALA B 125 3.06 -17.92 3.20
C ALA B 125 3.69 -18.76 4.31
N GLN B 126 4.68 -18.17 5.00
CA GLN B 126 5.23 -18.76 6.22
C GLN B 126 5.46 -17.63 7.24
N PRO B 127 5.54 -17.97 8.53
CA PRO B 127 5.71 -16.90 9.52
C PRO B 127 7.00 -16.09 9.30
N GLY B 128 6.91 -14.77 9.50
CA GLY B 128 8.05 -13.85 9.32
C GLY B 128 8.45 -13.15 10.61
N SER B 129 8.71 -11.86 10.54
CA SER B 129 9.14 -11.07 11.71
C SER B 129 8.04 -10.17 12.25
N PRO B 130 7.77 -10.27 13.57
CA PRO B 130 6.73 -9.43 14.20
C PRO B 130 7.17 -7.98 14.53
N LYS B 131 8.44 -7.64 14.30
CA LYS B 131 8.97 -6.37 14.82
C LYS B 131 8.18 -5.13 14.35
N LEU B 132 7.94 -5.01 13.04
CA LEU B 132 7.28 -3.81 12.51
C LEU B 132 5.86 -3.69 13.03
N ILE B 133 5.07 -4.76 12.87
CA ILE B 133 3.68 -4.69 13.27
C ILE B 133 3.52 -4.51 14.78
N ASN B 134 4.34 -5.19 15.56
CA ASN B 134 4.34 -4.97 17.01
C ASN B 134 4.61 -3.52 17.39
N SER B 135 5.58 -2.87 16.73
CA SER B 135 5.86 -1.46 17.02
C SER B 135 4.64 -0.58 16.67
N LEU B 136 4.01 -0.83 15.52
CA LEU B 136 2.80 -0.11 15.12
C LEU B 136 1.66 -0.30 16.12
N LEU B 137 1.45 -1.56 16.55
CA LEU B 137 0.42 -1.89 17.53
C LEU B 137 0.67 -1.20 18.89
N GLU B 138 1.92 -1.27 19.35
CA GLU B 138 2.31 -0.59 20.59
C GLU B 138 2.08 0.92 20.50
N ASN B 139 2.25 1.49 19.31
CA ASN B 139 2.06 2.94 19.12
C ASN B 139 0.61 3.34 18.79
N GLY B 140 -0.31 2.38 18.80
CA GLY B 140 -1.74 2.68 18.68
C GLY B 140 -2.33 2.71 17.27
N TYR B 141 -1.61 2.18 16.28
CA TYR B 141 -2.13 2.13 14.92
C TYR B 141 -2.84 0.81 14.65
N LEU B 142 -3.77 0.82 13.68
CA LEU B 142 -4.46 -0.40 13.21
C LEU B 142 -3.83 -0.80 11.86
N PRO B 143 -2.97 -1.82 11.86
CA PRO B 143 -2.40 -2.27 10.61
C PRO B 143 -3.47 -2.95 9.76
N VAL B 144 -3.52 -2.56 8.48
CA VAL B 144 -4.41 -3.18 7.51
C VAL B 144 -3.54 -3.79 6.42
N VAL B 145 -3.50 -5.12 6.40
CA VAL B 145 -2.49 -5.88 5.67
C VAL B 145 -3.07 -6.65 4.47
N SER B 146 -2.60 -6.32 3.27
CA SER B 146 -3.06 -7.02 2.06
C SER B 146 -2.31 -8.37 1.90
N SER B 147 -2.87 -9.27 1.09
CA SER B 147 -2.32 -10.61 0.92
C SER B 147 -1.37 -10.73 -0.28
N ILE B 148 -0.81 -9.61 -0.72
CA ILE B 148 0.27 -9.62 -1.70
C ILE B 148 1.56 -9.71 -0.89
N GLY B 149 2.50 -10.54 -1.31
CA GLY B 149 3.84 -10.59 -0.70
C GLY B 149 4.92 -10.49 -1.75
N VAL B 150 6.17 -10.72 -1.33
CA VAL B 150 7.32 -10.64 -2.21
C VAL B 150 8.38 -11.65 -1.79
N THR B 151 8.97 -12.33 -2.78
CA THR B 151 10.05 -13.28 -2.49
C THR B 151 11.33 -12.53 -2.18
N ASP B 152 12.29 -13.23 -1.59
CA ASP B 152 13.61 -12.67 -1.32
C ASP B 152 14.28 -12.14 -2.58
N GLU B 153 13.91 -12.71 -3.72
CA GLU B 153 14.47 -12.32 -5.01
C GLU B 153 13.73 -11.13 -5.64
N GLY B 154 12.70 -10.61 -4.96
CA GLY B 154 11.99 -9.42 -5.43
C GLY B 154 10.84 -9.68 -6.39
N GLN B 155 10.29 -10.89 -6.37
CA GLN B 155 9.16 -11.23 -7.21
C GLN B 155 7.87 -11.13 -6.42
N LEU B 156 6.93 -10.35 -6.95
CA LEU B 156 5.65 -10.15 -6.27
C LEU B 156 4.84 -11.43 -6.32
N MET B 157 4.11 -11.71 -5.23
CA MET B 157 3.36 -12.94 -5.11
C MET B 157 1.95 -12.69 -4.60
N ASN B 158 1.00 -13.39 -5.19
CA ASN B 158 -0.40 -13.37 -4.79
C ASN B 158 -0.61 -14.54 -3.85
N VAL B 159 -1.02 -14.24 -2.62
CA VAL B 159 -1.11 -15.25 -1.57
C VAL B 159 -2.56 -15.40 -1.10
N ASN B 160 -2.98 -16.64 -0.92
CA ASN B 160 -4.28 -16.91 -0.30
C ASN B 160 -4.40 -16.16 1.02
N ALA B 161 -5.45 -15.36 1.16
CA ALA B 161 -5.56 -14.45 2.30
C ALA B 161 -5.83 -15.15 3.63
N ASP B 162 -6.55 -16.27 3.61
CA ASP B 162 -6.73 -17.10 4.80
C ASP B 162 -5.38 -17.64 5.29
N GLN B 163 -4.57 -18.16 4.36
CA GLN B 163 -3.25 -18.66 4.70
C GLN B 163 -2.27 -17.55 5.09
N ALA B 164 -2.39 -16.39 4.45
CA ALA B 164 -1.57 -15.23 4.79
C ALA B 164 -1.90 -14.76 6.21
N ALA B 165 -3.20 -14.73 6.55
CA ALA B 165 -3.63 -14.32 7.88
C ALA B 165 -3.19 -15.30 8.96
N THR B 166 -3.20 -16.58 8.64
CA THR B 166 -2.75 -17.62 9.55
C THR B 166 -1.23 -17.49 9.83
N ALA B 167 -0.46 -17.25 8.79
CA ALA B 167 1.00 -17.04 8.91
C ALA B 167 1.29 -15.80 9.77
N LEU B 168 0.53 -14.73 9.58
CA LEU B 168 0.67 -13.52 10.38
C LEU B 168 0.27 -13.79 11.84
N ALA B 169 -0.78 -14.60 12.05
CA ALA B 169 -1.21 -14.98 13.39
C ALA B 169 -0.10 -15.73 14.13
N ALA B 170 0.59 -16.62 13.42
CA ALA B 170 1.76 -17.30 13.96
C ALA B 170 2.88 -16.30 14.29
N THR B 171 3.14 -15.39 13.36
CA THR B 171 4.19 -14.38 13.51
C THR B 171 3.97 -13.49 14.75
N LEU B 172 2.74 -13.00 14.92
CA LEU B 172 2.41 -12.11 16.03
C LEU B 172 1.94 -12.78 17.31
N GLY B 173 1.65 -14.07 17.28
CA GLY B 173 1.04 -14.74 18.42
C GLY B 173 -0.36 -14.16 18.63
N ALA B 174 -1.14 -14.13 17.56
CA ALA B 174 -2.45 -13.46 17.57
C ALA B 174 -3.60 -14.47 17.51
N ASP B 175 -4.77 -14.03 18.02
CA ASP B 175 -6.04 -14.71 17.75
C ASP B 175 -6.45 -14.42 16.30
N LEU B 176 -7.34 -15.25 15.76
CA LEU B 176 -7.71 -15.15 14.35
C LEU B 176 -9.19 -15.42 14.13
N ILE B 177 -9.84 -14.49 13.42
CA ILE B 177 -11.23 -14.62 12.99
C ILE B 177 -11.28 -14.48 11.47
N LEU B 178 -11.94 -15.42 10.83
CA LEU B 178 -12.07 -15.41 9.40
C LEU B 178 -13.50 -14.97 9.11
N LEU B 179 -13.66 -13.73 8.67
CA LEU B 179 -14.97 -13.18 8.37
C LEU B 179 -15.30 -13.41 6.91
N SER B 180 -16.44 -14.07 6.64
CA SER B 180 -16.91 -14.23 5.27
C SER B 180 -18.40 -14.52 5.27
N ASP B 181 -18.97 -14.66 4.08
CA ASP B 181 -20.41 -14.85 3.93
C ASP B 181 -20.77 -16.31 4.20
N VAL B 182 -20.76 -16.68 5.48
CA VAL B 182 -20.97 -18.08 5.91
C VAL B 182 -22.34 -18.23 6.55
N SER B 183 -22.81 -19.49 6.64
CA SER B 183 -24.01 -19.84 7.41
C SER B 183 -23.65 -20.69 8.64
N GLY B 184 -24.58 -20.77 9.60
CA GLY B 184 -24.38 -21.60 10.78
C GLY B 184 -24.36 -23.06 10.41
N ILE B 185 -23.51 -23.84 11.08
CA ILE B 185 -23.50 -25.28 10.91
C ILE B 185 -24.44 -25.81 11.97
N LEU B 186 -25.47 -26.54 11.56
CA LEU B 186 -26.49 -27.00 12.49
C LEU B 186 -26.28 -28.46 12.84
N ASP B 187 -26.57 -28.81 14.09
CA ASP B 187 -26.56 -30.19 14.53
C ASP B 187 -27.89 -30.87 14.17
N GLY B 188 -28.04 -32.14 14.54
CA GLY B 188 -29.26 -32.91 14.23
C GLY B 188 -30.54 -32.40 14.87
N LYS B 189 -30.39 -31.51 15.86
CA LYS B 189 -31.51 -30.82 16.50
C LYS B 189 -31.69 -29.37 16.05
N GLY B 190 -31.08 -28.98 14.94
CA GLY B 190 -31.29 -27.66 14.33
C GLY B 190 -30.66 -26.47 15.04
N GLN B 191 -29.70 -26.74 15.93
CA GLN B 191 -29.05 -25.70 16.70
C GLN B 191 -27.65 -25.47 16.15
N ARG B 192 -27.22 -24.22 16.10
CA ARG B 192 -25.89 -23.87 15.62
C ARG B 192 -24.82 -24.49 16.53
N ILE B 193 -23.84 -25.16 15.92
CA ILE B 193 -22.70 -25.69 16.65
C ILE B 193 -21.68 -24.56 16.80
N ALA B 194 -21.61 -23.97 18.00
CA ALA B 194 -20.79 -22.78 18.22
C ALA B 194 -19.29 -23.08 18.25
N GLU B 195 -18.94 -24.28 18.73
CA GLU B 195 -17.53 -24.70 18.86
C GLU B 195 -17.40 -26.19 18.58
N MET B 196 -16.40 -26.58 17.79
CA MET B 196 -16.17 -27.98 17.44
C MET B 196 -14.69 -28.24 17.19
N THR B 197 -14.25 -29.48 17.45
CA THR B 197 -12.88 -29.87 17.13
C THR B 197 -12.69 -30.03 15.62
N ALA B 198 -11.42 -30.11 15.20
CA ALA B 198 -11.07 -30.40 13.81
C ALA B 198 -11.62 -31.75 13.36
N ALA B 199 -11.41 -32.78 14.19
CA ALA B 199 -11.95 -34.10 13.94
C ALA B 199 -13.46 -34.07 13.78
N LYS B 200 -14.13 -33.33 14.66
CA LYS B 200 -15.59 -33.20 14.58
C LYS B 200 -15.97 -32.52 13.27
N ALA B 201 -15.24 -31.47 12.92
CA ALA B 201 -15.46 -30.79 11.65
C ALA B 201 -15.24 -31.73 10.48
N GLU B 202 -14.18 -32.53 10.53
CA GLU B 202 -13.91 -33.52 9.48
C GLU B 202 -15.01 -34.58 9.41
N GLN B 203 -15.37 -35.16 10.56
CA GLN B 203 -16.50 -36.08 10.65
C GLN B 203 -17.76 -35.52 9.99
N LEU B 204 -18.10 -34.27 10.32
CA LEU B 204 -19.31 -33.64 9.79
C LEU B 204 -19.25 -33.43 8.28
N ILE B 205 -18.04 -33.23 7.74
CA ILE B 205 -17.85 -33.14 6.29
C ILE B 205 -18.01 -34.52 5.65
N GLU B 206 -17.34 -35.52 6.22
CA GLU B 206 -17.43 -36.90 5.74
C GLU B 206 -18.88 -37.37 5.67
N GLN B 207 -19.65 -37.00 6.69
CA GLN B 207 -21.02 -37.49 6.86
C GLN B 207 -22.09 -36.56 6.27
N GLY B 208 -21.67 -35.61 5.43
CA GLY B 208 -22.61 -34.78 4.66
C GLY B 208 -23.39 -33.73 5.43
N ILE B 209 -22.98 -33.44 6.67
CA ILE B 209 -23.66 -32.45 7.50
C ILE B 209 -23.24 -31.04 7.08
N ILE B 210 -21.95 -30.90 6.77
CA ILE B 210 -21.40 -29.65 6.25
C ILE B 210 -21.32 -29.78 4.74
N THR B 211 -22.01 -28.90 4.03
CA THR B 211 -22.22 -29.05 2.60
C THR B 211 -21.98 -27.75 1.84
N ASP B 212 -21.97 -27.87 0.51
CA ASP B 212 -21.91 -26.72 -0.40
C ASP B 212 -20.66 -25.88 -0.12
N GLY B 213 -20.80 -24.55 -0.15
CA GLY B 213 -19.66 -23.65 -0.02
C GLY B 213 -18.99 -23.64 1.34
N MET B 214 -19.68 -24.17 2.35
CA MET B 214 -19.14 -24.19 3.71
C MET B 214 -18.03 -25.21 3.91
N ILE B 215 -17.96 -26.22 3.04
CA ILE B 215 -16.89 -27.21 3.11
C ILE B 215 -15.53 -26.51 2.94
N VAL B 216 -15.46 -25.58 1.99
CA VAL B 216 -14.25 -24.80 1.72
C VAL B 216 -13.87 -23.94 2.93
N LYS B 217 -14.89 -23.30 3.51
CA LYS B 217 -14.69 -22.35 4.59
C LYS B 217 -14.29 -23.02 5.91
N VAL B 218 -14.88 -24.17 6.19
CA VAL B 218 -14.48 -24.97 7.35
C VAL B 218 -13.08 -25.58 7.19
N ASN B 219 -12.76 -26.04 5.98
CA ASN B 219 -11.42 -26.56 5.71
C ASN B 219 -10.33 -25.51 5.91
N ALA B 220 -10.61 -24.26 5.53
CA ALA B 220 -9.69 -23.16 5.79
C ALA B 220 -9.47 -22.90 7.28
N ALA B 221 -10.56 -22.86 8.05
CA ALA B 221 -10.47 -22.63 9.49
C ALA B 221 -9.80 -23.81 10.22
N LEU B 222 -10.10 -25.02 9.76
CA LEU B 222 -9.55 -26.25 10.30
C LEU B 222 -8.03 -26.29 10.12
N ASP B 223 -7.55 -26.04 8.92
CA ASP B 223 -6.12 -25.97 8.64
C ASP B 223 -5.44 -24.87 9.47
N ALA B 224 -6.12 -23.73 9.61
CA ALA B 224 -5.59 -22.61 10.42
C ALA B 224 -5.45 -22.99 11.88
N ALA B 225 -6.51 -23.57 12.45
CA ALA B 225 -6.49 -24.02 13.85
C ALA B 225 -5.40 -25.06 14.11
N ARG B 226 -5.25 -26.02 13.20
CA ARG B 226 -4.19 -27.03 13.34
C ARG B 226 -2.79 -26.39 13.31
N THR B 227 -2.59 -25.51 12.33
CA THR B 227 -1.33 -24.75 12.18
C THR B 227 -0.99 -23.91 13.41
N LEU B 228 -1.98 -23.21 13.95
CA LEU B 228 -1.77 -22.25 15.04
C LEU B 228 -1.79 -22.88 16.44
N GLY B 229 -2.57 -23.95 16.60
CA GLY B 229 -2.78 -24.54 17.93
C GLY B 229 -3.67 -23.70 18.84
N ARG B 230 -4.39 -22.73 18.27
CA ARG B 230 -5.41 -21.98 19.00
C ARG B 230 -6.69 -22.10 18.17
N PRO B 231 -7.85 -21.90 18.82
CA PRO B 231 -9.10 -21.94 18.05
C PRO B 231 -9.17 -20.82 17.03
N VAL B 232 -9.81 -21.09 15.90
CA VAL B 232 -9.99 -20.11 14.84
C VAL B 232 -11.49 -19.96 14.61
N ASP B 233 -12.00 -18.72 14.67
CA ASP B 233 -13.42 -18.50 14.46
C ASP B 233 -13.74 -18.16 13.02
N ILE B 234 -14.80 -18.78 12.54
CA ILE B 234 -15.48 -18.40 11.32
C ILE B 234 -16.75 -17.65 11.71
N ALA B 235 -17.03 -16.55 11.04
CA ALA B 235 -18.26 -15.82 11.33
C ALA B 235 -18.62 -14.94 10.15
N SER B 236 -19.89 -14.57 10.08
CA SER B 236 -20.39 -13.74 9.00
C SER B 236 -20.35 -12.28 9.36
N TRP B 237 -19.95 -11.48 8.38
CA TRP B 237 -19.97 -10.03 8.53
C TRP B 237 -21.39 -9.47 8.44
N ARG B 238 -22.35 -10.26 7.93
CA ARG B 238 -23.73 -9.79 7.80
C ARG B 238 -24.43 -9.51 9.13
N HIS B 239 -23.97 -10.15 10.20
CA HIS B 239 -24.56 -9.93 11.52
C HIS B 239 -23.65 -9.02 12.31
N ALA B 240 -23.64 -7.73 11.96
CA ALA B 240 -22.67 -6.78 12.53
C ALA B 240 -22.99 -6.45 13.99
N GLU B 241 -24.24 -6.63 14.39
CA GLU B 241 -24.62 -6.45 15.80
C GLU B 241 -23.86 -7.42 16.73
N GLN B 242 -23.51 -8.60 16.23
CA GLN B 242 -22.84 -9.65 17.02
C GLN B 242 -21.32 -9.54 17.00
N LEU B 243 -20.78 -8.65 16.17
CA LEU B 243 -19.33 -8.61 15.95
C LEU B 243 -18.54 -8.23 17.21
N PRO B 244 -18.98 -7.20 17.95
CA PRO B 244 -18.22 -6.86 19.17
C PRO B 244 -18.16 -8.02 20.17
N ALA B 245 -19.26 -8.75 20.32
CA ALA B 245 -19.28 -9.94 21.16
C ALA B 245 -18.29 -10.98 20.61
N LEU B 246 -18.29 -11.18 19.30
CA LEU B 246 -17.34 -12.06 18.63
C LEU B 246 -15.90 -11.64 18.90
N PHE B 247 -15.62 -10.34 18.77
CA PHE B 247 -14.28 -9.82 19.05
C PHE B 247 -13.93 -9.96 20.54
N ASN B 248 -14.96 -9.88 21.40
CA ASN B 248 -14.80 -10.06 22.84
C ASN B 248 -14.69 -11.52 23.27
N GLY B 249 -14.60 -12.45 22.32
CA GLY B 249 -14.30 -13.85 22.61
C GLY B 249 -15.50 -14.80 22.64
N MET B 250 -16.64 -14.32 22.16
CA MET B 250 -17.88 -15.11 22.12
C MET B 250 -17.94 -15.87 20.81
N PRO B 251 -18.19 -17.19 20.85
CA PRO B 251 -18.21 -17.95 19.60
C PRO B 251 -19.53 -17.78 18.80
N MET B 252 -19.70 -16.64 18.14
CA MET B 252 -20.98 -16.30 17.48
C MET B 252 -21.16 -16.95 16.12
N GLY B 253 -20.11 -17.54 15.57
CA GLY B 253 -20.21 -18.22 14.29
C GLY B 253 -19.92 -19.70 14.47
N THR B 254 -18.81 -20.15 13.91
CA THR B 254 -18.31 -21.52 14.11
C THR B 254 -16.85 -21.40 14.51
N ARG B 255 -16.53 -21.84 15.73
CA ARG B 255 -15.15 -21.89 16.20
C ARG B 255 -14.60 -23.30 15.99
N ILE B 256 -13.48 -23.41 15.28
CA ILE B 256 -12.81 -24.68 15.14
C ILE B 256 -11.70 -24.75 16.19
N LEU B 257 -11.81 -25.71 17.10
CA LEU B 257 -10.90 -25.79 18.24
C LEU B 257 -9.62 -26.47 17.79
N ALA B 258 -8.54 -26.26 18.54
CA ALA B 258 -7.29 -26.92 18.24
C ALA B 258 -7.47 -28.40 18.55
#